data_2F67
#
_entry.id   2F67
#
_cell.length_a   58.928
_cell.length_b   75.513
_cell.length_c   86.336
_cell.angle_alpha   90.00
_cell.angle_beta   90.01
_cell.angle_gamma   90.00
#
_symmetry.space_group_name_H-M   'C 1 2 1'
#
loop_
_entity.id
_entity.type
_entity.pdbx_description
1 polymer 'Nucleoside 2-deoxyribosyltransferase'
2 non-polymer 'SULFATE ION'
3 non-polymer BENZO[CD]INDOL-2(1H)-ONE
4 non-polymer GLYCEROL
5 water water
#
_entity_poly.entity_id   1
_entity_poly.type   'polypeptide(L)'
_entity_poly.pdbx_seq_one_letter_code
;(MSE)AHHHHHH(MSE)RKIYIAGPAVFNPD(MSE)GASYYNKVRELLKKENV(MSE)PLIPTDNEATEALDIRQKNIQ
(MSE)IKDCDAVIADLSPFRGHEPDCGTAFEVGCAAALNK(MSE)VLTFTSDRRN(MSE)REKYGSGVDKDNLRVEGFGL
PFNL(MSE)LYDGVEVFDSFESAFKYFLANFPSK
;
_entity_poly.pdbx_strand_id   A,B
#
# COMPACT_ATOMS: atom_id res chain seq x y z
N HIS A 3 -28.80 -10.48 30.82
CA HIS A 3 -29.07 -11.59 29.86
C HIS A 3 -29.30 -11.02 28.45
N HIS A 4 -29.13 -11.88 27.45
CA HIS A 4 -29.18 -11.50 26.03
C HIS A 4 -28.48 -10.17 25.76
N HIS A 5 -27.23 -10.10 26.19
CA HIS A 5 -26.35 -8.96 25.89
C HIS A 5 -25.92 -9.06 24.44
N HIS A 6 -25.60 -7.92 23.84
CA HIS A 6 -25.02 -7.91 22.50
C HIS A 6 -23.73 -8.72 22.50
N HIS A 7 -23.54 -9.52 21.46
CA HIS A 7 -22.32 -10.31 21.30
C HIS A 7 -21.62 -9.88 20.02
N HIS A 8 -20.38 -9.46 20.17
CA HIS A 8 -19.57 -9.07 19.02
C HIS A 8 -19.07 -10.31 18.31
N ARG A 10 -16.30 -11.51 15.85
CA ARG A 10 -14.99 -11.09 15.33
C ARG A 10 -14.96 -11.13 13.81
N LYS A 11 -14.26 -10.17 13.21
CA LYS A 11 -14.21 -10.00 11.77
C LYS A 11 -12.77 -9.80 11.31
N ILE A 12 -12.41 -10.50 10.24
CA ILE A 12 -11.08 -10.36 9.67
C ILE A 12 -11.17 -10.00 8.19
N TYR A 13 -10.52 -8.91 7.80
CA TYR A 13 -10.43 -8.50 6.41
C TYR A 13 -9.38 -9.37 5.72
N ILE A 14 -9.77 -9.96 4.59
CA ILE A 14 -8.96 -10.95 3.90
C ILE A 14 -8.29 -10.28 2.71
N ALA A 15 -7.14 -9.67 2.97
CA ALA A 15 -6.41 -8.90 1.96
C ALA A 15 -5.44 -9.78 1.20
N GLY A 16 -5.37 -9.58 -0.10
CA GLY A 16 -4.39 -10.32 -0.90
C GLY A 16 -4.80 -10.56 -2.33
N PRO A 17 -3.83 -10.90 -3.19
CA PRO A 17 -4.05 -11.01 -4.62
C PRO A 17 -4.77 -12.27 -5.10
N ALA A 18 -5.32 -13.08 -4.19
CA ALA A 18 -6.14 -14.24 -4.60
C ALA A 18 -7.27 -13.84 -5.56
N VAL A 19 -7.77 -12.61 -5.40
CA VAL A 19 -8.80 -12.04 -6.28
C VAL A 19 -8.43 -12.10 -7.78
N PHE A 20 -7.13 -12.14 -8.08
CA PHE A 20 -6.67 -12.18 -9.48
C PHE A 20 -6.42 -13.60 -10.02
N ASN A 21 -6.63 -14.62 -9.18
CA ASN A 21 -6.65 -15.99 -9.66
C ASN A 21 -7.70 -16.16 -10.75
N PRO A 22 -7.53 -17.13 -11.66
CA PRO A 22 -8.54 -17.37 -12.67
C PRO A 22 -9.97 -17.49 -12.12
N ASP A 23 -10.11 -18.09 -10.93
CA ASP A 23 -11.42 -18.30 -10.31
C ASP A 23 -11.87 -17.12 -9.44
N GLY A 25 -10.49 -15.96 -6.99
CA GLY A 25 -10.15 -16.23 -5.60
C GLY A 25 -11.04 -17.22 -4.87
N ALA A 26 -12.00 -17.80 -5.59
CA ALA A 26 -12.97 -18.73 -5.00
C ALA A 26 -12.33 -19.81 -4.12
N SER A 27 -11.32 -20.51 -4.65
CA SER A 27 -10.70 -21.60 -3.89
C SER A 27 -10.05 -21.10 -2.59
N TYR A 28 -9.37 -19.94 -2.66
CA TYR A 28 -8.74 -19.34 -1.49
C TYR A 28 -9.79 -18.90 -0.47
N TYR A 29 -10.75 -18.12 -0.93
CA TYR A 29 -11.81 -17.61 -0.05
C TYR A 29 -12.63 -18.73 0.58
N ASN A 30 -12.91 -19.79 -0.18
CA ASN A 30 -13.62 -20.93 0.38
C ASN A 30 -12.84 -21.59 1.51
N LYS A 31 -11.52 -21.74 1.33
CA LYS A 31 -10.67 -22.30 2.38
C LYS A 31 -10.70 -21.40 3.62
N VAL A 32 -10.65 -20.09 3.38
CA VAL A 32 -10.70 -19.10 4.44
C VAL A 32 -12.04 -19.18 5.17
N ARG A 33 -13.12 -19.24 4.40
CA ARG A 33 -14.47 -19.31 4.97
CA ARG A 33 -14.47 -19.31 4.97
C ARG A 33 -14.63 -20.52 5.91
N GLU A 34 -14.16 -21.68 5.46
CA GLU A 34 -14.26 -22.92 6.25
C GLU A 34 -13.46 -22.85 7.56
N LEU A 35 -12.25 -22.31 7.48
CA LEU A 35 -11.35 -22.18 8.63
C LEU A 35 -11.95 -21.23 9.67
N LEU A 36 -12.45 -20.09 9.22
CA LEU A 36 -13.01 -19.08 10.12
C LEU A 36 -14.36 -19.47 10.71
N LYS A 37 -15.17 -20.20 9.93
CA LYS A 37 -16.48 -20.66 10.39
C LYS A 37 -16.37 -21.44 11.71
N LYS A 38 -15.32 -22.26 11.82
CA LYS A 38 -15.12 -23.13 12.99
C LYS A 38 -14.93 -22.36 14.29
N GLU A 39 -14.51 -21.09 14.17
CA GLU A 39 -14.18 -20.25 15.31
C GLU A 39 -15.15 -19.08 15.46
N ASN A 40 -16.25 -19.12 14.70
CA ASN A 40 -17.25 -18.06 14.74
C ASN A 40 -16.65 -16.69 14.39
N VAL A 41 -15.72 -16.69 13.44
CA VAL A 41 -15.11 -15.46 12.93
C VAL A 41 -15.65 -15.20 11.52
N PRO A 43 -15.24 -13.68 7.83
CA PRO A 43 -14.31 -13.16 6.83
C PRO A 43 -14.95 -11.97 6.11
N LEU A 44 -14.20 -10.88 6.01
CA LEU A 44 -14.59 -9.75 5.17
C LEU A 44 -13.78 -9.86 3.88
N ILE A 45 -14.46 -10.28 2.82
CA ILE A 45 -13.80 -10.64 1.58
C ILE A 45 -13.98 -9.55 0.52
N PRO A 46 -12.86 -9.13 -0.11
CA PRO A 46 -12.88 -8.01 -1.08
C PRO A 46 -13.94 -8.06 -2.16
N THR A 47 -14.31 -9.26 -2.60
CA THR A 47 -15.26 -9.42 -3.70
C THR A 47 -16.72 -9.58 -3.25
N ASP A 48 -16.95 -9.59 -1.95
CA ASP A 48 -18.32 -9.75 -1.43
C ASP A 48 -19.21 -8.58 -1.85
N ASN A 49 -20.40 -8.91 -2.37
CA ASN A 49 -21.36 -7.92 -2.87
C ASN A 49 -20.73 -6.88 -3.80
N GLU A 50 -19.87 -7.35 -4.70
CA GLU A 50 -19.02 -6.46 -5.49
C GLU A 50 -19.79 -5.49 -6.38
N ALA A 51 -19.45 -4.21 -6.24
CA ALA A 51 -20.03 -3.16 -7.07
C ALA A 51 -19.39 -3.16 -8.46
N THR A 52 -19.88 -2.29 -9.34
CA THR A 52 -19.39 -2.24 -10.71
C THR A 52 -18.40 -1.10 -10.94
N GLU A 53 -18.49 -0.05 -10.13
CA GLU A 53 -17.63 1.13 -10.28
C GLU A 53 -16.42 1.04 -9.35
N ALA A 54 -15.25 1.35 -9.90
CA ALA A 54 -13.99 1.24 -9.17
C ALA A 54 -14.04 1.94 -7.81
N LEU A 55 -14.53 3.18 -7.80
CA LEU A 55 -14.57 3.96 -6.57
C LEU A 55 -15.47 3.34 -5.50
N ASP A 56 -16.53 2.67 -5.94
CA ASP A 56 -17.46 1.99 -5.02
C ASP A 56 -16.83 0.73 -4.43
N ILE A 57 -16.14 -0.04 -5.27
CA ILE A 57 -15.38 -1.21 -4.80
C ILE A 57 -14.33 -0.77 -3.77
N ARG A 58 -13.57 0.26 -4.11
CA ARG A 58 -12.57 0.80 -3.20
C ARG A 58 -13.17 1.24 -1.86
N GLN A 59 -14.26 1.99 -1.92
CA GLN A 59 -14.87 2.51 -0.69
C GLN A 59 -15.38 1.37 0.20
N LYS A 60 -15.95 0.35 -0.42
CA LYS A 60 -16.48 -0.78 0.35
C LYS A 60 -15.35 -1.55 1.03
N ASN A 61 -14.22 -1.68 0.35
CA ASN A 61 -13.07 -2.35 0.95
C ASN A 61 -12.46 -1.57 2.09
N ILE A 62 -12.37 -0.25 1.91
CA ILE A 62 -11.91 0.62 2.99
C ILE A 62 -12.84 0.50 4.21
N GLN A 63 -14.14 0.46 3.96
CA GLN A 63 -15.11 0.29 5.04
C GLN A 63 -14.92 -1.04 5.77
N ILE A 65 -12.17 -2.65 6.18
CA ILE A 65 -11.00 -2.44 7.04
C ILE A 65 -11.38 -1.64 8.29
N LYS A 66 -12.18 -0.60 8.09
CA LYS A 66 -12.68 0.17 9.24
C LYS A 66 -13.48 -0.71 10.21
N ASP A 67 -14.20 -1.69 9.66
CA ASP A 67 -15.11 -2.57 10.43
C ASP A 67 -14.44 -3.79 11.05
N CYS A 68 -13.21 -4.09 10.62
CA CYS A 68 -12.57 -5.35 11.01
C CYS A 68 -11.92 -5.27 12.39
N ASP A 69 -11.65 -6.43 12.97
CA ASP A 69 -10.83 -6.52 14.18
C ASP A 69 -9.38 -6.76 13.81
N ALA A 70 -9.15 -7.42 12.67
CA ALA A 70 -7.80 -7.64 12.15
C ALA A 70 -7.81 -7.77 10.64
N VAL A 71 -6.66 -7.48 10.03
CA VAL A 71 -6.42 -7.80 8.64
C VAL A 71 -5.45 -8.96 8.61
N ILE A 72 -5.75 -10.00 7.84
CA ILE A 72 -4.72 -10.99 7.47
C ILE A 72 -4.40 -10.77 6.00
N ALA A 73 -3.15 -10.41 5.74
CA ALA A 73 -2.74 -9.98 4.41
C ALA A 73 -1.76 -10.95 3.79
N ASP A 74 -2.10 -11.40 2.58
CA ASP A 74 -1.23 -12.26 1.80
C ASP A 74 -0.23 -11.38 1.05
N LEU A 75 0.99 -11.32 1.57
CA LEU A 75 2.06 -10.53 0.98
C LEU A 75 3.03 -11.40 0.18
N SER A 76 2.50 -12.50 -0.39
CA SER A 76 3.30 -13.41 -1.22
C SER A 76 3.75 -12.68 -2.48
N PRO A 77 4.85 -13.14 -3.11
CA PRO A 77 5.27 -12.58 -4.38
C PRO A 77 4.11 -12.49 -5.37
N PHE A 78 3.99 -11.34 -6.03
CA PHE A 78 2.94 -11.16 -7.02
C PHE A 78 3.55 -10.47 -8.23
N ARG A 79 3.58 -11.18 -9.36
CA ARG A 79 4.18 -10.69 -10.61
C ARG A 79 5.65 -10.31 -10.43
N GLY A 80 6.37 -11.11 -9.65
CA GLY A 80 7.76 -10.87 -9.32
C GLY A 80 7.95 -11.07 -7.84
N HIS A 81 9.04 -10.53 -7.30
CA HIS A 81 9.37 -10.71 -5.88
C HIS A 81 8.60 -9.78 -4.93
N GLU A 82 7.92 -8.78 -5.47
CA GLU A 82 7.22 -7.77 -4.65
C GLU A 82 5.78 -8.21 -4.38
N PRO A 83 5.24 -7.91 -3.17
CA PRO A 83 3.82 -8.15 -2.88
C PRO A 83 2.89 -7.34 -3.79
N ASP A 84 1.60 -7.68 -3.78
CA ASP A 84 0.56 -6.93 -4.49
C ASP A 84 0.38 -5.52 -3.91
N CYS A 85 0.35 -4.51 -4.79
CA CYS A 85 0.20 -3.13 -4.31
CA CYS A 85 0.15 -3.11 -4.39
C CYS A 85 -1.17 -2.82 -3.71
N GLY A 86 -2.22 -3.49 -4.18
CA GLY A 86 -3.56 -3.32 -3.60
C GLY A 86 -3.56 -3.79 -2.16
N THR A 87 -2.95 -4.94 -1.94
CA THR A 87 -2.80 -5.49 -0.60
C THR A 87 -1.98 -4.54 0.28
N ALA A 88 -0.90 -4.01 -0.28
CA ALA A 88 -0.06 -3.06 0.45
C ALA A 88 -0.84 -1.83 0.88
N PHE A 89 -1.68 -1.30 -0.01
CA PHE A 89 -2.54 -0.16 0.29
C PHE A 89 -3.44 -0.48 1.48
N GLU A 90 -3.98 -1.69 1.50
CA GLU A 90 -4.89 -2.13 2.55
C GLU A 90 -4.17 -2.28 3.89
N VAL A 91 -2.93 -2.75 3.84
CA VAL A 91 -2.11 -2.86 5.03
C VAL A 91 -1.83 -1.46 5.61
N GLY A 92 -1.56 -0.48 4.73
CA GLY A 92 -1.35 0.90 5.15
C GLY A 92 -2.60 1.52 5.77
N CYS A 93 -3.74 1.26 5.15
CA CYS A 93 -5.02 1.72 5.67
CA CYS A 93 -5.04 1.69 5.68
C CYS A 93 -5.23 1.20 7.10
N ALA A 94 -5.03 -0.10 7.27
CA ALA A 94 -5.17 -0.76 8.57
C ALA A 94 -4.19 -0.21 9.60
N ALA A 95 -2.94 0.01 9.21
CA ALA A 95 -1.95 0.58 10.11
C ALA A 95 -2.38 1.95 10.63
N ALA A 96 -2.89 2.79 9.74
CA ALA A 96 -3.32 4.14 10.10
C ALA A 96 -4.52 4.15 11.06
N LEU A 97 -5.33 3.11 10.93
CA LEU A 97 -6.53 2.93 11.75
C LEU A 97 -6.25 2.14 13.02
N ASN A 98 -4.97 1.84 13.28
CA ASN A 98 -4.53 1.10 14.47
C ASN A 98 -5.16 -0.29 14.63
N LYS A 99 -5.45 -0.92 13.50
CA LYS A 99 -5.97 -2.28 13.49
C LYS A 99 -4.83 -3.28 13.63
N VAL A 101 -2.68 -6.02 12.32
CA VAL A 101 -2.31 -6.45 10.98
C VAL A 101 -1.42 -7.67 11.08
N LEU A 102 -1.83 -8.74 10.42
CA LEU A 102 -1.08 -9.99 10.38
C LEU A 102 -0.77 -10.28 8.93
N THR A 103 0.47 -10.62 8.63
CA THR A 103 0.90 -10.82 7.25
C THR A 103 1.52 -12.20 7.06
N PHE A 104 1.40 -12.75 5.86
CA PHE A 104 2.11 -13.98 5.53
C PHE A 104 2.63 -13.93 4.10
N THR A 105 3.58 -14.81 3.79
CA THR A 105 4.13 -14.93 2.43
C THR A 105 4.56 -16.36 2.18
N SER A 106 4.44 -16.78 0.92
CA SER A 106 4.96 -18.08 0.48
C SER A 106 6.49 -18.08 0.34
N ASP A 107 7.11 -16.91 0.47
CA ASP A 107 8.56 -16.78 0.34
C ASP A 107 9.10 -15.83 1.42
N ARG A 108 9.68 -16.40 2.47
CA ARG A 108 10.17 -15.63 3.62
C ARG A 108 11.63 -15.17 3.53
N ARG A 109 12.29 -15.47 2.41
CA ARG A 109 13.70 -15.07 2.21
C ARG A 109 13.84 -13.55 2.26
N ASN A 110 14.98 -13.05 2.75
CA ASN A 110 15.27 -11.61 2.70
C ASN A 110 15.20 -11.13 1.26
N ARG A 112 17.23 -9.27 -0.41
CA ARG A 112 18.51 -9.42 -1.09
C ARG A 112 18.81 -10.87 -1.49
N GLU A 113 18.25 -11.82 -0.75
CA GLU A 113 18.35 -13.23 -1.14
C GLU A 113 17.46 -13.51 -2.35
N LYS A 114 16.26 -12.91 -2.35
CA LYS A 114 15.34 -13.06 -3.49
C LYS A 114 15.91 -12.53 -4.79
N TYR A 115 16.50 -11.34 -4.74
CA TYR A 115 17.06 -10.71 -5.94
C TYR A 115 18.48 -11.18 -6.22
N GLY A 116 19.09 -11.81 -5.22
CA GLY A 116 20.45 -12.34 -5.35
C GLY A 116 21.55 -11.30 -5.33
N SER A 117 21.21 -10.08 -4.90
CA SER A 117 22.13 -8.96 -4.92
C SER A 117 21.54 -7.81 -4.11
N GLY A 118 22.35 -6.77 -3.90
CA GLY A 118 21.88 -5.53 -3.28
C GLY A 118 21.19 -4.60 -4.27
N VAL A 119 21.20 -4.98 -5.54
CA VAL A 119 20.49 -4.23 -6.60
C VAL A 119 19.75 -5.19 -7.52
N ASP A 120 18.71 -4.70 -8.18
CA ASP A 120 17.98 -5.49 -9.17
C ASP A 120 18.67 -5.44 -10.55
N LYS A 121 18.02 -5.99 -11.58
CA LYS A 121 18.62 -6.05 -12.93
C LYS A 121 18.85 -4.67 -13.58
N ASP A 122 18.17 -3.66 -13.06
CA ASP A 122 18.26 -2.29 -13.58
C ASP A 122 19.09 -1.39 -12.65
N ASN A 123 19.79 -2.00 -11.69
CA ASN A 123 20.66 -1.31 -10.74
C ASN A 123 19.90 -0.47 -9.70
N LEU A 124 18.65 -0.85 -9.44
CA LEU A 124 17.88 -0.20 -8.38
C LEU A 124 18.06 -0.94 -7.06
N ARG A 125 18.22 -0.18 -5.99
CA ARG A 125 18.56 -0.73 -4.68
C ARG A 125 17.51 -1.69 -4.11
N VAL A 126 17.98 -2.82 -3.61
CA VAL A 126 17.17 -3.80 -2.88
C VAL A 126 17.43 -3.61 -1.40
N GLU A 127 16.37 -3.40 -0.62
CA GLU A 127 16.49 -3.10 0.81
C GLU A 127 17.30 -4.14 1.58
N GLY A 128 18.09 -3.69 2.54
CA GLY A 128 18.89 -4.57 3.37
C GLY A 128 18.58 -4.45 4.85
N PHE A 129 17.37 -4.85 5.22
CA PHE A 129 16.93 -4.83 6.61
C PHE A 129 16.57 -6.21 7.15
N GLY A 130 16.94 -7.27 6.40
CA GLY A 130 16.67 -8.64 6.82
C GLY A 130 15.19 -8.96 6.83
N LEU A 131 14.45 -8.34 5.90
CA LEU A 131 13.00 -8.52 5.77
C LEU A 131 12.64 -9.07 4.39
N PRO A 132 11.52 -9.80 4.27
CA PRO A 132 11.14 -10.40 2.99
C PRO A 132 10.53 -9.44 1.96
N PHE A 133 10.19 -8.23 2.39
CA PHE A 133 9.53 -7.26 1.52
C PHE A 133 9.72 -5.86 2.08
N ASN A 134 9.22 -4.87 1.34
CA ASN A 134 9.34 -3.46 1.71
C ASN A 134 9.09 -3.24 3.19
N LEU A 135 10.00 -2.52 3.85
CA LEU A 135 9.95 -2.39 5.31
C LEU A 135 8.69 -1.71 5.84
N LEU A 137 5.85 -2.56 5.25
CA LEU A 137 4.86 -3.63 5.42
C LEU A 137 5.09 -4.46 6.68
N TYR A 138 6.17 -4.14 7.41
CA TYR A 138 6.53 -4.89 8.62
C TYR A 138 6.29 -4.03 9.85
N ASP A 139 5.45 -4.49 10.78
CA ASP A 139 5.15 -3.69 11.98
C ASP A 139 5.64 -4.30 13.30
N GLY A 140 6.47 -5.34 13.22
CA GLY A 140 7.02 -5.95 14.42
C GLY A 140 6.39 -7.29 14.76
N VAL A 141 5.21 -7.54 14.21
CA VAL A 141 4.59 -8.86 14.32
C VAL A 141 5.31 -9.80 13.36
N GLU A 142 5.50 -11.04 13.80
CA GLU A 142 6.12 -12.08 12.99
C GLU A 142 5.47 -12.17 11.61
N VAL A 143 6.31 -12.35 10.58
CA VAL A 143 5.79 -12.69 9.24
C VAL A 143 5.54 -14.19 9.16
N PHE A 144 4.26 -14.54 8.98
CA PHE A 144 3.85 -15.94 8.97
C PHE A 144 4.06 -16.62 7.62
N ASP A 145 3.99 -17.96 7.63
CA ASP A 145 4.19 -18.78 6.43
C ASP A 145 2.91 -19.04 5.65
N SER A 146 1.77 -18.78 6.29
CA SER A 146 0.48 -19.18 5.72
C SER A 146 -0.65 -18.41 6.37
N PHE A 147 -1.81 -18.43 5.72
CA PHE A 147 -3.01 -17.85 6.29
C PHE A 147 -3.33 -18.49 7.64
N GLU A 148 -3.25 -19.82 7.68
CA GLU A 148 -3.57 -20.61 8.86
CA GLU A 148 -3.61 -20.55 8.89
C GLU A 148 -2.73 -20.19 10.08
N SER A 149 -1.42 -20.04 9.87
CA SER A 149 -0.55 -19.68 10.98
C SER A 149 -0.84 -18.26 11.47
N ALA A 150 -1.17 -17.35 10.55
CA ALA A 150 -1.55 -16.00 10.93
C ALA A 150 -2.85 -16.05 11.74
N PHE A 151 -3.78 -16.89 11.29
CA PHE A 151 -5.06 -17.04 11.98
C PHE A 151 -4.90 -17.59 13.40
N LYS A 152 -3.94 -18.49 13.61
CA LYS A 152 -3.67 -19.00 14.96
C LYS A 152 -3.21 -17.87 15.89
N TYR A 153 -2.38 -16.97 15.37
CA TYR A 153 -1.97 -15.80 16.14
C TYR A 153 -3.19 -14.94 16.49
N PHE A 154 -4.08 -14.74 15.52
CA PHE A 154 -5.30 -13.97 15.75
C PHE A 154 -6.10 -14.56 16.92
N LEU A 155 -6.27 -15.88 16.91
CA LEU A 155 -7.08 -16.55 17.93
C LEU A 155 -6.46 -16.44 19.33
N ALA A 156 -5.14 -16.42 19.37
CA ALA A 156 -4.41 -16.35 20.64
C ALA A 156 -4.35 -14.92 21.19
N ASN A 157 -4.52 -13.94 20.30
CA ASN A 157 -4.29 -12.54 20.66
C ASN A 157 -5.49 -11.62 20.52
N PHE A 158 -6.57 -12.14 19.96
CA PHE A 158 -7.84 -11.41 19.90
C PHE A 158 -8.99 -12.32 20.32
N PRO A 159 -9.14 -12.55 21.64
CA PRO A 159 -10.17 -13.46 22.11
C PRO A 159 -11.58 -12.85 22.05
N SER A 160 -12.59 -13.71 22.12
CA SER A 160 -13.98 -13.26 22.20
C SER A 160 -14.28 -12.70 23.59
N HIS B 3 -1.54 40.75 15.28
CA HIS B 3 -0.12 40.72 14.82
C HIS B 3 0.63 39.47 15.27
N HIS B 4 1.63 39.10 14.47
CA HIS B 4 2.46 37.91 14.69
C HIS B 4 1.66 36.67 15.09
N HIS B 5 0.64 36.39 14.28
CA HIS B 5 -0.15 35.17 14.39
CA HIS B 5 -0.18 35.17 14.37
C HIS B 5 0.68 33.99 13.93
N HIS B 6 0.38 32.80 14.46
CA HIS B 6 1.04 31.59 13.97
C HIS B 6 0.72 31.40 12.49
N HIS B 7 1.73 31.03 11.71
CA HIS B 7 1.57 30.78 10.29
C HIS B 7 1.90 29.33 9.97
N HIS B 8 0.92 28.61 9.43
CA HIS B 8 1.14 27.24 9.02
C HIS B 8 1.93 27.18 7.73
N ARG B 10 2.72 24.87 4.71
CA ARG B 10 2.19 23.69 4.03
C ARG B 10 3.28 22.63 3.88
N LYS B 11 2.88 21.36 3.98
CA LYS B 11 3.81 20.24 3.96
C LYS B 11 3.29 19.15 3.06
N ILE B 12 4.17 18.61 2.22
CA ILE B 12 3.79 17.51 1.32
C ILE B 12 4.71 16.32 1.54
N TYR B 13 4.12 15.15 1.81
CA TYR B 13 4.87 13.91 1.90
C TYR B 13 5.21 13.40 0.50
N ILE B 14 6.49 13.13 0.29
CA ILE B 14 7.00 12.80 -1.03
C ILE B 14 7.18 11.29 -1.15
N ALA B 15 6.08 10.61 -1.51
CA ALA B 15 6.06 9.15 -1.58
C ALA B 15 6.50 8.65 -2.95
N GLY B 16 7.33 7.61 -2.97
CA GLY B 16 7.74 7.05 -4.26
C GLY B 16 9.06 6.32 -4.26
N PRO B 17 9.28 5.46 -5.25
CA PRO B 17 10.46 4.60 -5.29
C PRO B 17 11.76 5.28 -5.69
N ALA B 18 11.78 6.61 -5.74
CA ALA B 18 13.03 7.36 -5.97
C ALA B 18 14.13 6.96 -5.00
N VAL B 19 13.73 6.61 -3.77
CA VAL B 19 14.67 6.16 -2.74
C VAL B 19 15.55 4.98 -3.18
N PHE B 20 15.07 4.20 -4.14
CA PHE B 20 15.82 3.03 -4.62
C PHE B 20 16.72 3.31 -5.82
N ASN B 21 16.72 4.56 -6.31
CA ASN B 21 17.69 4.98 -7.31
C ASN B 21 19.11 4.80 -6.75
N PRO B 22 20.11 4.62 -7.64
CA PRO B 22 21.49 4.49 -7.17
C PRO B 22 21.95 5.62 -6.25
N ASP B 23 21.41 6.82 -6.45
CA ASP B 23 21.76 7.98 -5.63
C ASP B 23 20.85 8.15 -4.41
N GLY B 25 17.83 8.61 -4.35
CA GLY B 25 16.78 9.58 -4.64
C GLY B 25 17.22 11.03 -4.67
N ALA B 26 18.52 11.26 -4.50
CA ALA B 26 19.04 12.63 -4.39
C ALA B 26 18.57 13.55 -5.52
N SER B 27 18.76 13.11 -6.78
CA SER B 27 18.37 13.93 -7.93
C SER B 27 16.86 14.23 -7.94
N TYR B 28 16.05 13.25 -7.59
CA TYR B 28 14.59 13.43 -7.54
C TYR B 28 14.22 14.39 -6.42
N TYR B 29 14.71 14.11 -5.22
CA TYR B 29 14.42 14.93 -4.06
C TYR B 29 14.92 16.36 -4.19
N ASN B 30 16.09 16.54 -4.79
CA ASN B 30 16.59 17.90 -5.02
C ASN B 30 15.70 18.72 -5.94
N LYS B 31 15.18 18.08 -6.98
CA LYS B 31 14.23 18.73 -7.88
C LYS B 31 12.94 19.11 -7.15
N VAL B 32 12.46 18.20 -6.30
CA VAL B 32 11.28 18.43 -5.48
C VAL B 32 11.52 19.60 -4.53
N ARG B 33 12.68 19.59 -3.87
CA ARG B 33 13.05 20.65 -2.93
CA ARG B 33 13.06 20.65 -2.94
C ARG B 33 13.04 22.03 -3.60
N GLU B 34 13.63 22.12 -4.80
CA GLU B 34 13.70 23.39 -5.52
C GLU B 34 12.31 23.91 -5.94
N LEU B 35 11.46 22.99 -6.36
CA LEU B 35 10.10 23.31 -6.81
C LEU B 35 9.23 23.81 -5.66
N LEU B 36 9.32 23.12 -4.53
CA LEU B 36 8.49 23.44 -3.38
C LEU B 36 8.94 24.70 -2.65
N LYS B 37 10.25 24.95 -2.61
CA LYS B 37 10.78 26.13 -1.89
C LYS B 37 10.23 27.43 -2.47
N LYS B 38 10.01 27.45 -3.78
CA LYS B 38 9.48 28.64 -4.47
C LYS B 38 8.10 29.05 -3.96
N GLU B 39 7.36 28.08 -3.41
CA GLU B 39 5.99 28.29 -2.94
C GLU B 39 5.88 28.20 -1.41
N ASN B 40 7.03 28.18 -0.73
CA ASN B 40 7.08 28.06 0.73
C ASN B 40 6.38 26.80 1.22
N VAL B 41 6.54 25.71 0.47
CA VAL B 41 6.01 24.41 0.86
C VAL B 41 7.18 23.52 1.30
N PRO B 43 8.87 19.95 1.79
CA PRO B 43 8.83 18.53 1.44
C PRO B 43 9.12 17.67 2.67
N LEU B 44 8.30 16.65 2.89
CA LEU B 44 8.57 15.65 3.89
C LEU B 44 9.10 14.44 3.15
N ILE B 45 10.41 14.22 3.26
CA ILE B 45 11.12 13.25 2.42
C ILE B 45 11.45 11.98 3.21
N PRO B 46 11.11 10.80 2.65
CA PRO B 46 11.28 9.54 3.38
C PRO B 46 12.65 9.28 4.02
N THR B 47 13.70 9.81 3.42
CA THR B 47 15.08 9.55 3.87
C THR B 47 15.61 10.62 4.82
N ASP B 48 14.82 11.64 5.09
CA ASP B 48 15.25 12.72 5.98
C ASP B 48 15.47 12.19 7.41
N ASN B 49 16.61 12.56 7.99
CA ASN B 49 17.01 12.11 9.34
C ASN B 49 16.87 10.60 9.55
N GLU B 50 17.26 9.83 8.53
CA GLU B 50 16.96 8.39 8.48
C GLU B 50 17.58 7.59 9.63
N ALA B 51 16.71 6.83 10.30
CA ALA B 51 17.11 5.93 11.37
C ALA B 51 17.77 4.68 10.81
N THR B 52 18.27 3.82 11.69
CA THR B 52 18.95 2.60 11.28
C THR B 52 18.05 1.37 11.37
N GLU B 53 17.04 1.42 12.22
CA GLU B 53 16.14 0.28 12.45
C GLU B 53 14.89 0.40 11.59
N ALA B 54 14.52 -0.70 10.93
CA ALA B 54 13.37 -0.72 10.03
C ALA B 54 12.11 -0.13 10.66
N LEU B 55 11.79 -0.55 11.88
CA LEU B 55 10.56 -0.06 12.52
C LEU B 55 10.59 1.44 12.80
N ASP B 56 11.78 1.98 13.07
CA ASP B 56 11.94 3.41 13.34
C ASP B 56 11.76 4.23 12.05
N ILE B 57 12.31 3.73 10.94
CA ILE B 57 12.12 4.36 9.63
C ILE B 57 10.63 4.36 9.27
N ARG B 58 9.99 3.22 9.43
CA ARG B 58 8.56 3.08 9.17
C ARG B 58 7.74 4.06 10.01
N GLN B 59 8.00 4.10 11.32
CA GLN B 59 7.26 4.98 12.20
C GLN B 59 7.43 6.45 11.83
N LYS B 60 8.64 6.84 11.47
CA LYS B 60 8.93 8.24 11.11
C LYS B 60 8.18 8.61 9.84
N ASN B 61 8.11 7.67 8.89
CA ASN B 61 7.36 7.92 7.67
C ASN B 61 5.86 8.00 7.88
N ILE B 62 5.33 7.13 8.73
CA ILE B 62 3.91 7.21 9.09
C ILE B 62 3.60 8.56 9.76
N GLN B 63 4.50 9.00 10.64
CA GLN B 63 4.32 10.29 11.30
C GLN B 63 4.34 11.46 10.29
N ILE B 65 3.35 11.31 7.25
CA ILE B 65 2.02 11.27 6.63
C ILE B 65 0.96 11.90 7.56
N LYS B 66 1.01 11.58 8.85
CA LYS B 66 0.10 12.19 9.82
C LYS B 66 0.26 13.72 9.83
N ASP B 67 1.49 14.19 9.61
CA ASP B 67 1.80 15.62 9.71
C ASP B 67 1.54 16.42 8.44
N CYS B 68 1.36 15.72 7.31
CA CYS B 68 1.33 16.39 6.02
C CYS B 68 -0.02 17.03 5.72
N ASP B 69 -0.04 17.92 4.74
CA ASP B 69 -1.29 18.45 4.20
C ASP B 69 -1.73 17.64 2.98
N ALA B 70 -0.75 17.10 2.26
CA ALA B 70 -1.03 16.21 1.13
C ALA B 70 0.13 15.26 0.93
N VAL B 71 -0.17 14.16 0.25
CA VAL B 71 0.84 13.25 -0.25
C VAL B 71 0.87 13.41 -1.77
N ILE B 72 2.07 13.58 -2.34
CA ILE B 72 2.23 13.39 -3.79
C ILE B 72 3.01 12.10 -3.99
N ALA B 73 2.34 11.14 -4.63
CA ALA B 73 2.85 9.78 -4.72
C ALA B 73 3.23 9.41 -6.15
N ASP B 74 4.47 8.97 -6.32
CA ASP B 74 4.96 8.47 -7.59
C ASP B 74 4.55 6.99 -7.76
N LEU B 75 3.49 6.79 -8.53
CA LEU B 75 2.98 5.44 -8.81
C LEU B 75 3.44 4.92 -10.17
N SER B 76 4.60 5.39 -10.63
CA SER B 76 5.21 4.90 -11.87
C SER B 76 5.52 3.41 -11.78
N PRO B 77 5.59 2.74 -12.94
CA PRO B 77 6.01 1.34 -12.94
C PRO B 77 7.29 1.14 -12.13
N PHE B 78 7.28 0.13 -11.27
CA PHE B 78 8.47 -0.20 -10.49
C PHE B 78 8.67 -1.71 -10.55
N ARG B 79 9.79 -2.13 -11.15
CA ARG B 79 10.11 -3.55 -11.34
C ARG B 79 9.02 -4.31 -12.11
N GLY B 80 8.51 -3.65 -13.14
CA GLY B 80 7.40 -4.16 -13.94
C GLY B 80 6.31 -3.11 -14.05
N HIS B 81 5.11 -3.52 -14.42
CA HIS B 81 4.01 -2.58 -14.62
C HIS B 81 3.30 -2.10 -13.36
N GLU B 82 3.59 -2.74 -12.22
CA GLU B 82 2.93 -2.40 -10.96
C GLU B 82 3.72 -1.29 -10.23
N PRO B 83 3.01 -0.37 -9.55
CA PRO B 83 3.68 0.64 -8.69
C PRO B 83 4.44 0.00 -7.53
N ASP B 84 5.26 0.79 -6.85
CA ASP B 84 5.99 0.34 -5.67
C ASP B 84 5.06 0.09 -4.49
N CYS B 85 5.21 -1.07 -3.84
CA CYS B 85 4.32 -1.40 -2.72
CA CYS B 85 4.40 -1.46 -2.66
C CYS B 85 4.51 -0.53 -1.47
N GLY B 86 5.71 -0.01 -1.23
CA GLY B 86 5.93 0.92 -0.11
C GLY B 86 5.12 2.19 -0.31
N THR B 87 5.18 2.71 -1.53
CA THR B 87 4.40 3.87 -1.93
C THR B 87 2.89 3.59 -1.78
N ALA B 88 2.46 2.42 -2.23
CA ALA B 88 1.05 2.03 -2.09
C ALA B 88 0.61 2.00 -0.64
N PHE B 89 1.47 1.47 0.24
CA PHE B 89 1.18 1.44 1.68
C PHE B 89 0.98 2.86 2.20
N GLU B 90 1.84 3.78 1.75
CA GLU B 90 1.76 5.19 2.14
C GLU B 90 0.50 5.86 1.64
N VAL B 91 0.10 5.53 0.41
CA VAL B 91 -1.16 6.03 -0.14
C VAL B 91 -2.34 5.54 0.71
N GLY B 92 -2.34 4.26 1.11
CA GLY B 92 -3.36 3.71 2.00
C GLY B 92 -3.41 4.39 3.36
N CYS B 93 -2.24 4.62 3.94
CA CYS B 93 -2.14 5.33 5.21
CA CYS B 93 -2.11 5.36 5.20
C CYS B 93 -2.80 6.70 5.09
N ALA B 94 -2.45 7.44 4.05
CA ALA B 94 -2.99 8.77 3.82
C ALA B 94 -4.51 8.76 3.60
N ALA B 95 -5.00 7.79 2.82
CA ALA B 95 -6.45 7.65 2.60
C ALA B 95 -7.21 7.47 3.91
N ALA B 96 -6.68 6.64 4.81
CA ALA B 96 -7.33 6.34 6.09
C ALA B 96 -7.36 7.57 6.98
N LEU B 97 -6.36 8.42 6.82
CA LEU B 97 -6.22 9.63 7.63
C LEU B 97 -6.90 10.84 6.98
N ASN B 98 -7.64 10.60 5.89
CA ASN B 98 -8.37 11.65 5.17
C ASN B 98 -7.49 12.80 4.65
N LYS B 99 -6.25 12.47 4.29
CA LYS B 99 -5.36 13.45 3.68
C LYS B 99 -5.63 13.56 2.19
N VAL B 101 -4.60 13.16 -1.37
CA VAL B 101 -3.65 12.28 -2.04
C VAL B 101 -3.64 12.60 -3.53
N LEU B 102 -2.45 12.91 -4.04
CA LEU B 102 -2.26 13.21 -5.44
C LEU B 102 -1.26 12.21 -5.99
N THR B 103 -1.58 11.60 -7.12
CA THR B 103 -0.71 10.56 -7.67
C THR B 103 -0.29 10.90 -9.08
N PHE B 104 0.88 10.41 -9.49
CA PHE B 104 1.31 10.52 -10.87
C PHE B 104 2.01 9.26 -11.34
N THR B 105 2.14 9.11 -12.65
CA THR B 105 2.87 7.98 -13.22
C THR B 105 3.47 8.37 -14.56
N SER B 106 4.61 7.76 -14.88
CA SER B 106 5.24 7.92 -16.18
C SER B 106 4.54 7.11 -17.28
N ASP B 107 3.57 6.28 -16.88
CA ASP B 107 2.84 5.43 -17.82
C ASP B 107 1.34 5.41 -17.47
N ARG B 108 0.56 6.18 -18.22
CA ARG B 108 -0.88 6.36 -17.92
C ARG B 108 -1.81 5.37 -18.64
N ARG B 109 -1.23 4.43 -19.38
CA ARG B 109 -2.05 3.44 -20.10
C ARG B 109 -2.85 2.61 -19.12
N ASN B 110 -4.02 2.13 -19.56
CA ASN B 110 -4.82 1.19 -18.77
C ASN B 110 -3.99 -0.06 -18.48
N ARG B 112 -4.75 -3.14 -18.75
CA ARG B 112 -4.88 -4.14 -19.83
C ARG B 112 -4.10 -3.78 -21.09
N GLU B 113 -3.89 -2.48 -21.32
CA GLU B 113 -3.02 -2.01 -22.40
C GLU B 113 -1.56 -2.31 -22.06
N LYS B 114 -1.17 -2.09 -20.81
CA LYS B 114 0.19 -2.37 -20.36
C LYS B 114 0.58 -3.83 -20.49
N TYR B 115 -0.32 -4.72 -20.05
CA TYR B 115 -0.07 -6.16 -20.11
C TYR B 115 -0.43 -6.75 -21.47
N GLY B 116 -1.16 -5.99 -22.28
CA GLY B 116 -1.54 -6.40 -23.63
C GLY B 116 -2.65 -7.45 -23.67
N SER B 117 -3.28 -7.69 -22.53
CA SER B 117 -4.28 -8.75 -22.37
C SER B 117 -5.06 -8.53 -21.09
N GLY B 118 -6.13 -9.32 -20.91
CA GLY B 118 -6.88 -9.32 -19.66
C GLY B 118 -6.27 -10.24 -18.62
N VAL B 119 -5.18 -10.92 -19.00
CA VAL B 119 -4.41 -11.75 -18.06
C VAL B 119 -2.92 -11.54 -18.27
N ASP B 120 -2.13 -11.80 -17.24
CA ASP B 120 -0.67 -11.72 -17.36
C ASP B 120 -0.08 -13.03 -17.89
N LYS B 121 1.24 -13.15 -17.92
CA LYS B 121 1.90 -14.34 -18.48
C LYS B 121 1.58 -15.64 -17.73
N ASP B 122 1.12 -15.50 -16.49
CA ASP B 122 0.80 -16.64 -15.63
C ASP B 122 -0.71 -16.89 -15.52
N ASN B 123 -1.47 -16.24 -16.39
CA ASN B 123 -2.93 -16.35 -16.44
C ASN B 123 -3.65 -15.70 -15.23
N LEU B 124 -2.98 -14.75 -14.60
CA LEU B 124 -3.59 -13.98 -13.52
C LEU B 124 -4.28 -12.73 -14.05
N ARG B 125 -5.47 -12.47 -13.53
CA ARG B 125 -6.34 -11.44 -14.06
C ARG B 125 -5.76 -10.04 -13.96
N VAL B 126 -5.87 -9.29 -15.05
CA VAL B 126 -5.49 -7.88 -15.09
C VAL B 126 -6.78 -7.05 -14.99
N GLU B 127 -6.81 -6.10 -14.07
CA GLU B 127 -8.03 -5.30 -13.80
C GLU B 127 -8.54 -4.59 -15.05
N GLY B 128 -9.86 -4.49 -15.17
CA GLY B 128 -10.50 -3.84 -16.32
C GLY B 128 -11.42 -2.71 -15.91
N PHE B 129 -10.83 -1.67 -15.33
CA PHE B 129 -11.60 -0.52 -14.87
C PHE B 129 -11.15 0.79 -15.54
N GLY B 130 -10.37 0.66 -16.61
CA GLY B 130 -9.86 1.82 -17.35
C GLY B 130 -8.94 2.69 -16.52
N LEU B 131 -8.18 2.04 -15.63
CA LEU B 131 -7.24 2.71 -14.75
C LEU B 131 -5.82 2.19 -14.98
N PRO B 132 -4.80 3.03 -14.71
CA PRO B 132 -3.40 2.63 -14.97
C PRO B 132 -2.77 1.68 -13.94
N PHE B 133 -3.44 1.49 -12.82
CA PHE B 133 -2.92 0.65 -11.75
C PHE B 133 -4.06 0.16 -10.87
N ASN B 134 -3.71 -0.67 -9.89
CA ASN B 134 -4.66 -1.24 -8.95
C ASN B 134 -5.68 -0.19 -8.48
N LEU B 135 -6.96 -0.54 -8.58
CA LEU B 135 -8.02 0.45 -8.33
C LEU B 135 -8.05 1.00 -6.90
N LEU B 137 -5.72 2.33 -5.53
CA LEU B 137 -4.84 3.51 -5.59
C LEU B 137 -5.46 4.74 -6.24
N TYR B 138 -6.71 4.61 -6.69
CA TYR B 138 -7.43 5.70 -7.37
C TYR B 138 -8.56 6.19 -6.48
N ASP B 139 -8.59 7.47 -6.18
CA ASP B 139 -9.66 8.01 -5.31
C ASP B 139 -10.57 9.03 -5.97
N GLY B 140 -10.43 9.20 -7.29
CA GLY B 140 -11.28 10.12 -8.04
C GLY B 140 -10.56 11.37 -8.51
N VAL B 141 -9.45 11.69 -7.86
CA VAL B 141 -8.58 12.76 -8.34
C VAL B 141 -7.86 12.27 -9.59
N GLU B 142 -7.71 13.15 -10.57
CA GLU B 142 -6.98 12.87 -11.80
C GLU B 142 -5.63 12.23 -11.50
N VAL B 143 -5.25 11.22 -12.30
CA VAL B 143 -3.88 10.71 -12.27
C VAL B 143 -3.01 11.61 -13.14
N PHE B 144 -2.04 12.25 -12.52
CA PHE B 144 -1.17 13.21 -13.19
C PHE B 144 0.00 12.56 -13.91
N ASP B 145 0.65 13.32 -14.79
CA ASP B 145 1.75 12.85 -15.64
C ASP B 145 3.11 13.00 -15.01
N SER B 146 3.18 13.80 -13.95
CA SER B 146 4.46 14.20 -13.36
C SER B 146 4.25 14.76 -11.98
N PHE B 147 5.35 14.83 -11.22
CA PHE B 147 5.32 15.47 -9.91
C PHE B 147 4.83 16.92 -10.03
N GLU B 148 5.33 17.61 -11.05
CA GLU B 148 5.05 19.02 -11.24
C GLU B 148 3.56 19.30 -11.45
N SER B 149 2.90 18.46 -12.26
CA SER B 149 1.47 18.66 -12.52
C SER B 149 0.64 18.37 -11.28
N ALA B 150 1.08 17.40 -10.48
CA ALA B 150 0.39 17.09 -9.23
C ALA B 150 0.53 18.28 -8.29
N PHE B 151 1.72 18.85 -8.29
CA PHE B 151 2.02 19.99 -7.41
C PHE B 151 1.17 21.20 -7.79
N LYS B 152 0.92 21.40 -9.09
CA LYS B 152 0.06 22.50 -9.53
C LYS B 152 -1.37 22.34 -9.00
N TYR B 153 -1.87 21.10 -9.00
CA TYR B 153 -3.18 20.81 -8.41
C TYR B 153 -3.17 21.13 -6.92
N PHE B 154 -2.09 20.73 -6.23
CA PHE B 154 -1.96 21.06 -4.80
C PHE B 154 -2.10 22.57 -4.55
N LEU B 155 -1.38 23.37 -5.33
CA LEU B 155 -1.36 24.82 -5.14
C LEU B 155 -2.74 25.44 -5.38
N ALA B 156 -3.48 24.87 -6.33
CA ALA B 156 -4.80 25.40 -6.68
C ALA B 156 -5.89 24.96 -5.69
N ASN B 157 -5.64 23.88 -4.96
CA ASN B 157 -6.66 23.25 -4.12
C ASN B 157 -6.35 23.20 -2.63
N PHE B 158 -5.13 23.61 -2.28
CA PHE B 158 -4.73 23.75 -0.88
C PHE B 158 -3.99 25.08 -0.67
N PRO B 159 -4.75 26.18 -0.60
CA PRO B 159 -4.10 27.50 -0.47
C PRO B 159 -3.55 27.75 0.94
N SER B 160 -2.64 28.74 1.03
CA SER B 160 -2.14 29.20 2.31
C SER B 160 -3.13 30.17 2.95
#